data_7VPY
#
_entry.id   7VPY
#
_cell.length_a   105.078
_cell.length_b   43.166
_cell.length_c   56.027
_cell.angle_alpha   90.000
_cell.angle_beta   110.758
_cell.angle_gamma   90.000
#
_symmetry.space_group_name_H-M   'C 1 2 1'
#
loop_
_entity.id
_entity.type
_entity.pdbx_description
1 polymer Nanobody
2 non-polymer 'SULFATE ION'
3 non-polymer 1,2-ETHANEDIOL
4 water water
#
_entity_poly.entity_id   1
_entity_poly.type   'polypeptide(L)'
_entity_poly.pdbx_seq_one_letter_code
;MKYLLPTAAAGLLLLAAQPAMAQVQLQESGGGLVQAGGSLRLSCVASGRTFSSLNIVWFRQAPGKERKFVAAINDRNTAY
AESVKGRFTISRDNAKNTVHLQMNSLKPEDTAVYYCHSADVNGGMDYWGKGTQVTVSSHHHHHH
;
_entity_poly.pdbx_strand_id   A,B
#
loop_
_chem_comp.id
_chem_comp.type
_chem_comp.name
_chem_comp.formula
EDO non-polymer 1,2-ETHANEDIOL 'C2 H6 O2'
SO4 non-polymer 'SULFATE ION' 'O4 S -2'
#
# COMPACT_ATOMS: atom_id res chain seq x y z
N VAL A 24 9.02 23.09 -13.29
CA VAL A 24 8.63 23.81 -12.08
C VAL A 24 8.92 22.96 -10.85
N GLN A 25 8.35 23.35 -9.71
CA GLN A 25 8.52 22.62 -8.47
C GLN A 25 7.18 22.20 -7.89
N LEU A 26 7.20 21.03 -7.25
CA LEU A 26 6.09 20.53 -6.45
C LEU A 26 6.04 21.29 -5.13
N GLN A 27 4.89 21.24 -4.46
CA GLN A 27 4.71 21.95 -3.20
C GLN A 27 4.60 20.96 -2.04
N GLU A 28 5.38 21.20 -0.99
CA GLU A 28 5.45 20.32 0.17
C GLU A 28 5.00 21.03 1.43
N SER A 29 4.42 20.27 2.35
CA SER A 29 4.03 20.80 3.65
C SER A 29 3.93 19.66 4.64
N GLY A 30 3.69 20.02 5.90
CA GLY A 30 3.44 19.05 6.95
C GLY A 30 4.63 18.71 7.81
N GLY A 31 5.80 19.27 7.52
CA GLY A 31 6.97 18.99 8.34
C GLY A 31 6.92 19.72 9.67
N GLY A 32 7.96 19.50 10.47
CA GLY A 32 8.02 20.15 11.76
C GLY A 32 9.02 19.46 12.66
N LEU A 33 8.94 19.83 13.94
CA LEU A 33 9.84 19.31 14.97
C LEU A 33 8.96 18.58 15.96
N VAL A 34 9.30 17.34 16.28
N VAL A 34 9.27 17.31 16.24
CA VAL A 34 8.40 16.49 17.06
CA VAL A 34 8.42 16.54 17.13
C VAL A 34 9.20 15.59 18.00
C VAL A 34 9.25 15.71 18.09
N GLN A 35 8.59 15.29 19.16
CA GLN A 35 9.17 14.32 20.09
C GLN A 35 9.17 12.93 19.47
N ALA A 36 10.20 12.16 19.80
CA ALA A 36 10.25 10.76 19.38
C ALA A 36 8.98 10.02 19.81
N GLY A 37 8.50 9.15 18.93
CA GLY A 37 7.22 8.51 19.11
C GLY A 37 6.04 9.26 18.52
N GLY A 38 6.25 10.51 18.10
CA GLY A 38 5.18 11.30 17.51
C GLY A 38 4.94 10.94 16.04
N SER A 39 4.07 11.73 15.43
CA SER A 39 3.68 11.56 14.04
C SER A 39 3.68 12.91 13.34
N LEU A 40 3.94 12.86 12.03
CA LEU A 40 3.76 13.99 11.14
C LEU A 40 3.18 13.44 9.85
N ARG A 41 2.45 14.28 9.10
CA ARG A 41 1.97 13.88 7.79
C ARG A 41 2.44 14.88 6.75
N LEU A 42 3.30 14.44 5.84
CA LEU A 42 3.79 15.30 4.76
C LEU A 42 2.84 15.26 3.59
N SER A 43 2.81 16.36 2.84
CA SER A 43 2.01 16.50 1.62
C SER A 43 2.92 16.88 0.47
N CYS A 44 2.63 16.32 -0.71
CA CYS A 44 3.27 16.69 -1.96
C CYS A 44 2.16 17.02 -2.93
N VAL A 45 2.10 18.26 -3.38
CA VAL A 45 1.00 18.75 -4.20
C VAL A 45 1.56 19.18 -5.55
N ALA A 46 0.91 18.75 -6.62
CA ALA A 46 1.30 19.10 -7.97
C ALA A 46 0.18 19.89 -8.64
N SER A 47 0.55 20.72 -9.61
CA SER A 47 -0.43 21.37 -10.46
C SER A 47 -0.67 20.54 -11.71
N GLY A 48 -1.78 20.82 -12.39
CA GLY A 48 -2.07 20.23 -13.67
C GLY A 48 -3.27 19.32 -13.63
N ARG A 49 -3.59 18.78 -14.82
CA ARG A 49 -4.71 17.87 -15.01
C ARG A 49 -4.28 16.41 -15.08
N THR A 50 -2.98 16.14 -14.95
CA THR A 50 -2.42 14.82 -15.23
C THR A 50 -2.02 14.07 -13.97
N PHE A 51 -2.53 14.47 -12.81
CA PHE A 51 -1.92 14.01 -11.56
C PHE A 51 -2.04 12.51 -11.39
N SER A 52 -3.17 11.92 -11.77
N SER A 52 -3.15 11.92 -11.82
CA SER A 52 -3.34 10.48 -11.64
CA SER A 52 -3.36 10.48 -11.63
C SER A 52 -2.31 9.70 -12.44
C SER A 52 -2.30 9.66 -12.33
N SER A 53 -1.75 10.30 -13.49
N SER A 53 -1.76 10.13 -13.46
CA SER A 53 -0.73 9.63 -14.30
CA SER A 53 -0.73 9.39 -14.15
C SER A 53 0.67 9.76 -13.70
C SER A 53 0.67 9.63 -13.59
N LEU A 54 0.83 10.54 -12.63
CA LEU A 54 2.13 10.77 -12.03
C LEU A 54 2.44 9.69 -10.99
N ASN A 55 3.70 9.29 -10.94
CA ASN A 55 4.22 8.46 -9.86
C ASN A 55 5.04 9.36 -8.95
N ILE A 56 4.83 9.24 -7.63
CA ILE A 56 5.47 10.15 -6.67
C ILE A 56 6.40 9.35 -5.77
N VAL A 57 7.61 9.87 -5.59
CA VAL A 57 8.62 9.21 -4.77
C VAL A 57 9.10 10.20 -3.72
N TRP A 58 9.27 9.72 -2.48
CA TRP A 58 9.86 10.51 -1.41
C TRP A 58 11.29 10.07 -1.18
N PHE A 59 12.18 11.05 -1.03
CA PHE A 59 13.56 10.86 -0.63
C PHE A 59 13.80 11.67 0.63
N ARG A 60 14.85 11.33 1.37
CA ARG A 60 15.22 12.13 2.54
C ARG A 60 16.73 12.20 2.67
N GLN A 61 17.23 13.28 3.27
N GLN A 61 17.20 13.22 3.36
CA GLN A 61 18.66 13.41 3.50
CA GLN A 61 18.62 13.47 3.50
C GLN A 61 18.89 13.87 4.92
C GLN A 61 18.92 13.92 4.92
N ALA A 62 19.55 13.03 5.71
CA ALA A 62 19.95 13.39 7.06
C ALA A 62 21.23 14.23 7.01
N PRO A 63 21.48 15.04 8.02
CA PRO A 63 22.64 15.94 7.94
C PRO A 63 23.95 15.17 7.84
N GLY A 64 24.77 15.58 6.87
CA GLY A 64 26.05 14.94 6.65
C GLY A 64 25.99 13.68 5.81
N LYS A 65 24.79 13.25 5.43
CA LYS A 65 24.60 11.98 4.74
C LYS A 65 24.06 12.20 3.33
N GLU A 66 23.94 11.09 2.58
CA GLU A 66 23.44 11.13 1.21
C GLU A 66 21.91 11.04 1.20
N ARG A 67 21.33 11.52 0.11
CA ARG A 67 19.89 11.39 -0.12
C ARG A 67 19.52 9.94 -0.36
N LYS A 68 18.43 9.49 0.28
CA LYS A 68 18.01 8.09 0.23
C LYS A 68 16.51 7.96 -0.03
N PHE A 69 16.17 6.92 -0.78
CA PHE A 69 14.77 6.56 -1.02
C PHE A 69 14.02 6.31 0.29
N VAL A 70 12.77 6.78 0.35
CA VAL A 70 11.89 6.57 1.50
C VAL A 70 10.65 5.75 1.13
N ALA A 71 9.87 6.24 0.17
CA ALA A 71 8.62 5.58 -0.20
C ALA A 71 8.20 6.02 -1.59
N ALA A 72 7.41 5.19 -2.26
CA ALA A 72 6.94 5.53 -3.59
C ALA A 72 5.51 5.08 -3.75
N ILE A 73 4.77 5.83 -4.54
CA ILE A 73 3.43 5.39 -4.94
C ILE A 73 3.37 5.47 -6.46
N ASN A 74 3.17 4.31 -7.08
CA ASN A 74 3.23 4.15 -8.53
C ASN A 74 1.84 3.69 -8.94
N ASP A 75 1.07 4.63 -9.49
CA ASP A 75 -0.38 4.52 -9.59
C ASP A 75 -0.91 4.33 -8.18
N ARG A 76 -1.41 3.16 -7.83
CA ARG A 76 -1.80 2.91 -6.45
C ARG A 76 -0.87 1.93 -5.73
N ASN A 77 0.15 1.40 -6.41
CA ASN A 77 1.08 0.49 -5.77
C ASN A 77 2.00 1.26 -4.85
N THR A 78 2.36 0.66 -3.71
CA THR A 78 3.21 1.34 -2.73
C THR A 78 4.47 0.54 -2.43
N ALA A 79 5.56 1.26 -2.15
CA ALA A 79 6.83 0.62 -1.83
C ALA A 79 7.55 1.44 -0.75
N TYR A 80 8.24 0.76 0.14
CA TYR A 80 8.86 1.41 1.30
C TYR A 80 10.29 0.97 1.49
N ALA A 81 11.16 1.91 1.87
CA ALA A 81 12.49 1.54 2.33
C ALA A 81 12.38 0.66 3.57
N GLU A 82 13.37 -0.23 3.73
CA GLU A 82 13.40 -1.12 4.89
C GLU A 82 13.33 -0.35 6.21
N SER A 83 13.96 0.82 6.27
CA SER A 83 14.02 1.56 7.52
C SER A 83 12.70 2.19 7.93
N VAL A 84 11.70 2.29 7.03
CA VAL A 84 10.45 2.97 7.36
C VAL A 84 9.23 2.09 7.18
N LYS A 85 9.38 0.87 6.65
CA LYS A 85 8.22 0.03 6.40
C LYS A 85 7.43 -0.20 7.68
N GLY A 86 6.11 -0.20 7.56
CA GLY A 86 5.23 -0.39 8.68
C GLY A 86 4.91 0.88 9.44
N ARG A 87 5.90 1.77 9.59
CA ARG A 87 5.67 3.01 10.32
C ARG A 87 5.15 4.12 9.43
N PHE A 88 5.56 4.15 8.17
CA PHE A 88 5.18 5.17 7.21
C PHE A 88 4.16 4.58 6.26
N THR A 89 3.18 5.40 5.85
CA THR A 89 2.21 4.98 4.84
C THR A 89 2.10 6.07 3.79
N ILE A 90 2.22 5.69 2.51
CA ILE A 90 2.08 6.64 1.41
C ILE A 90 0.72 6.43 0.76
N SER A 91 0.08 7.53 0.38
CA SER A 91 -1.26 7.47 -0.20
C SER A 91 -1.44 8.64 -1.14
N ARG A 92 -2.51 8.61 -1.94
CA ARG A 92 -2.77 9.72 -2.85
C ARG A 92 -4.25 10.05 -2.87
N ASP A 93 -4.53 11.33 -3.14
CA ASP A 93 -5.89 11.87 -3.30
C ASP A 93 -5.83 12.58 -4.65
N ASN A 94 -6.17 11.84 -5.71
CA ASN A 94 -6.05 12.40 -7.05
C ASN A 94 -6.97 13.59 -7.24
N ALA A 95 -8.13 13.59 -6.57
CA ALA A 95 -9.06 14.71 -6.68
C ALA A 95 -8.46 16.00 -6.15
N LYS A 96 -7.51 15.93 -5.22
CA LYS A 96 -6.84 17.10 -4.69
C LYS A 96 -5.38 17.21 -5.14
N ASN A 97 -4.97 16.41 -6.13
CA ASN A 97 -3.62 16.51 -6.71
C ASN A 97 -2.54 16.38 -5.64
N THR A 98 -2.75 15.47 -4.67
CA THR A 98 -1.93 15.41 -3.47
C THR A 98 -1.52 13.99 -3.15
N VAL A 99 -0.27 13.82 -2.73
CA VAL A 99 0.21 12.59 -2.11
C VAL A 99 0.56 12.90 -0.67
N HIS A 100 0.21 12.00 0.22
CA HIS A 100 0.54 12.14 1.63
C HIS A 100 1.51 11.06 2.06
N LEU A 101 2.39 11.42 3.00
CA LEU A 101 3.27 10.45 3.64
C LEU A 101 2.97 10.56 5.13
N GLN A 102 2.23 9.58 5.67
CA GLN A 102 1.91 9.55 7.10
C GLN A 102 3.08 8.87 7.81
N MET A 103 3.72 9.57 8.75
CA MET A 103 4.90 9.05 9.42
C MET A 103 4.55 8.86 10.89
N ASN A 104 4.45 7.60 11.33
CA ASN A 104 4.13 7.29 12.72
C ASN A 104 5.37 6.75 13.42
N SER A 105 5.33 6.73 14.76
CA SER A 105 6.40 6.13 15.54
C SER A 105 7.76 6.70 15.14
N LEU A 106 7.83 8.03 15.02
CA LEU A 106 9.04 8.67 14.53
C LEU A 106 10.20 8.47 15.51
N LYS A 107 11.40 8.30 14.94
CA LYS A 107 12.64 8.10 15.65
C LYS A 107 13.62 9.21 15.31
N PRO A 108 14.56 9.55 16.19
CA PRO A 108 15.56 10.57 15.85
C PRO A 108 16.26 10.30 14.53
N GLU A 109 16.47 9.04 14.17
CA GLU A 109 17.12 8.75 12.90
C GLU A 109 16.24 9.02 11.69
N ASP A 110 14.97 9.38 11.88
CA ASP A 110 14.14 9.89 10.79
C ASP A 110 14.37 11.36 10.50
N THR A 111 15.18 12.05 11.32
CA THR A 111 15.46 13.46 11.09
C THR A 111 16.16 13.66 9.75
N ALA A 112 15.62 14.55 8.92
CA ALA A 112 16.11 14.73 7.55
C ALA A 112 15.32 15.84 6.87
N VAL A 113 15.84 16.31 5.75
CA VAL A 113 15.04 17.06 4.79
C VAL A 113 14.38 16.03 3.87
N TYR A 114 13.07 16.14 3.70
CA TYR A 114 12.28 15.20 2.88
C TYR A 114 11.90 15.89 1.58
N TYR A 115 12.11 15.19 0.46
CA TYR A 115 11.87 15.73 -0.87
C TYR A 115 10.92 14.82 -1.62
N CYS A 116 9.98 15.40 -2.36
CA CYS A 116 9.18 14.56 -3.23
C CYS A 116 9.52 14.83 -4.69
N HIS A 117 9.31 13.80 -5.51
CA HIS A 117 9.67 13.78 -6.92
C HIS A 117 8.52 13.17 -7.69
N SER A 118 8.19 13.75 -8.84
CA SER A 118 7.14 13.23 -9.72
C SER A 118 7.73 12.80 -11.05
N ALA A 119 7.01 11.91 -11.72
CA ALA A 119 7.33 11.53 -13.09
C ALA A 119 6.23 10.64 -13.62
N ASP A 120 6.10 10.61 -14.95
CA ASP A 120 5.31 9.60 -15.62
C ASP A 120 6.12 8.31 -15.79
N VAL A 121 5.49 7.31 -16.43
CA VAL A 121 6.04 5.96 -16.46
C VAL A 121 7.41 5.90 -17.14
N ASN A 122 7.64 6.76 -18.12
CA ASN A 122 8.90 6.71 -18.86
C ASN A 122 10.03 7.52 -18.22
N GLY A 123 9.73 8.30 -17.19
CA GLY A 123 10.68 9.22 -16.61
C GLY A 123 10.50 10.66 -17.02
N GLY A 124 9.47 10.97 -17.82
CA GLY A 124 9.16 12.34 -18.17
C GLY A 124 8.29 13.01 -17.12
N MET A 125 7.95 14.27 -17.40
CA MET A 125 7.13 15.10 -16.51
C MET A 125 7.74 15.12 -15.09
N ASP A 126 9.07 15.23 -15.07
N ASP A 126 9.06 15.19 -15.05
CA ASP A 126 9.88 15.03 -13.88
CA ASP A 126 9.81 14.95 -13.82
C ASP A 126 10.02 16.37 -13.15
C ASP A 126 10.09 16.27 -13.11
N TYR A 127 9.56 16.41 -11.90
CA TYR A 127 9.72 17.59 -11.07
C TYR A 127 10.12 17.20 -9.66
N TRP A 128 10.71 18.16 -8.96
CA TRP A 128 11.11 18.00 -7.56
C TRP A 128 10.42 19.03 -6.68
N GLY A 129 10.13 18.64 -5.45
CA GLY A 129 9.83 19.61 -4.41
C GLY A 129 11.10 20.14 -3.79
N LYS A 130 11.02 21.32 -3.16
CA LYS A 130 12.23 21.97 -2.66
C LYS A 130 12.79 21.28 -1.43
N GLY A 131 11.95 20.60 -0.67
CA GLY A 131 12.37 19.92 0.54
C GLY A 131 11.72 20.54 1.76
N THR A 132 11.28 19.73 2.70
CA THR A 132 10.79 20.28 3.97
C THR A 132 11.41 19.51 5.12
N GLN A 133 11.65 20.22 6.22
CA GLN A 133 12.38 19.66 7.34
C GLN A 133 11.48 18.82 8.25
N VAL A 134 12.03 17.69 8.69
CA VAL A 134 11.43 16.81 9.67
C VAL A 134 12.48 16.57 10.75
N THR A 135 12.17 16.93 11.98
CA THR A 135 13.12 16.82 13.08
C THR A 135 12.47 16.06 14.22
N VAL A 136 13.17 15.02 14.72
CA VAL A 136 12.64 14.15 15.76
C VAL A 136 13.64 14.18 16.91
N SER A 137 13.23 14.72 18.05
N SER A 137 13.23 14.70 18.07
CA SER A 137 14.10 14.78 19.20
CA SER A 137 14.13 14.82 19.21
C SER A 137 13.98 13.50 20.02
C SER A 137 13.94 13.65 20.18
N SER A 138 15.06 13.13 20.69
CA SER A 138 14.99 12.01 21.60
C SER A 138 14.57 12.48 22.99
N HIS A 139 14.15 11.52 23.81
CA HIS A 139 13.72 11.82 25.17
C HIS A 139 14.91 11.76 26.13
N VAL B 24 -5.30 -27.04 8.27
CA VAL B 24 -5.61 -26.11 7.20
C VAL B 24 -4.71 -24.88 7.31
N GLN B 25 -3.91 -24.65 6.26
CA GLN B 25 -2.88 -23.62 6.35
C GLN B 25 -3.47 -22.21 6.21
N LEU B 26 -4.28 -21.96 5.19
CA LEU B 26 -4.83 -20.64 4.93
C LEU B 26 -6.34 -20.69 5.00
N GLN B 27 -6.92 -19.89 5.89
N GLN B 27 -6.92 -19.91 5.92
CA GLN B 27 -8.37 -19.86 6.08
CA GLN B 27 -8.36 -19.85 6.09
C GLN B 27 -8.95 -18.54 5.58
C GLN B 27 -8.86 -18.53 5.50
N GLU B 28 -9.82 -18.62 4.57
CA GLU B 28 -10.46 -17.44 4.00
C GLU B 28 -11.85 -17.21 4.57
N SER B 29 -12.26 -15.94 4.59
N SER B 29 -12.26 -15.95 4.59
CA SER B 29 -13.56 -15.56 5.12
CA SER B 29 -13.61 -15.61 4.98
C SER B 29 -13.91 -14.15 4.64
C SER B 29 -13.97 -14.25 4.40
N GLY B 30 -15.22 -13.84 4.66
CA GLY B 30 -15.68 -12.51 4.32
C GLY B 30 -16.44 -12.40 3.01
N GLY B 31 -16.56 -13.49 2.25
CA GLY B 31 -17.37 -13.43 1.04
C GLY B 31 -18.83 -13.16 1.35
N GLY B 32 -19.57 -12.76 0.33
CA GLY B 32 -20.97 -12.48 0.54
C GLY B 32 -21.61 -11.84 -0.68
N LEU B 33 -22.79 -11.29 -0.45
CA LEU B 33 -23.64 -10.73 -1.50
C LEU B 33 -24.02 -9.32 -1.06
N VAL B 34 -23.71 -8.33 -1.89
CA VAL B 34 -24.01 -6.93 -1.61
C VAL B 34 -24.50 -6.29 -2.90
N GLN B 35 -25.09 -5.11 -2.76
CA GLN B 35 -25.46 -4.29 -3.90
C GLN B 35 -24.26 -3.47 -4.40
N ALA B 36 -24.33 -3.10 -5.68
CA ALA B 36 -23.32 -2.21 -6.24
C ALA B 36 -23.17 -0.96 -5.37
N GLY B 37 -21.93 -0.56 -5.15
CA GLY B 37 -21.64 0.54 -4.26
C GLY B 37 -21.39 0.13 -2.82
N GLY B 38 -21.71 -1.10 -2.45
CA GLY B 38 -21.42 -1.60 -1.12
C GLY B 38 -19.97 -2.05 -0.96
N SER B 39 -19.68 -2.59 0.22
N SER B 39 -19.67 -2.59 0.21
CA SER B 39 -18.32 -2.92 0.61
CA SER B 39 -18.30 -2.97 0.53
C SER B 39 -18.27 -4.30 1.25
C SER B 39 -18.25 -4.27 1.30
N LEU B 40 -17.10 -4.92 1.20
CA LEU B 40 -16.81 -6.18 1.87
C LEU B 40 -15.37 -6.10 2.37
N ARG B 41 -15.01 -7.02 3.27
CA ARG B 41 -13.61 -7.17 3.66
C ARG B 41 -13.29 -8.65 3.72
N LEU B 42 -12.47 -9.13 2.79
CA LEU B 42 -12.03 -10.52 2.84
C LEU B 42 -10.83 -10.67 3.76
N SER B 43 -10.74 -11.84 4.38
N SER B 43 -10.72 -11.85 4.36
CA SER B 43 -9.66 -12.16 5.30
CA SER B 43 -9.65 -12.16 5.29
C SER B 43 -8.96 -13.44 4.85
C SER B 43 -8.97 -13.45 4.85
N CYS B 44 -7.65 -13.48 5.08
CA CYS B 44 -6.81 -14.65 4.79
C CYS B 44 -5.98 -14.86 6.06
N VAL B 45 -6.22 -15.95 6.79
CA VAL B 45 -5.58 -16.17 8.09
C VAL B 45 -4.72 -17.41 7.97
N ALA B 46 -3.43 -17.27 8.29
CA ALA B 46 -2.46 -18.35 8.14
C ALA B 46 -2.20 -19.02 9.49
N SER B 47 -2.14 -20.34 9.47
CA SER B 47 -1.64 -21.03 10.65
C SER B 47 -0.12 -20.95 10.68
N GLY B 48 0.46 -21.42 11.77
N GLY B 48 0.47 -21.37 11.79
CA GLY B 48 1.91 -21.47 11.86
CA GLY B 48 1.91 -21.34 11.93
C GLY B 48 2.52 -20.14 12.24
C GLY B 48 2.42 -20.17 12.74
N ARG B 49 3.84 -20.09 12.08
N ARG B 49 3.72 -19.90 12.58
CA ARG B 49 4.65 -18.99 12.56
CA ARG B 49 4.40 -18.91 13.41
C ARG B 49 5.38 -18.33 11.39
C ARG B 49 5.44 -18.09 12.67
N THR B 50 6.15 -17.28 11.71
N THR B 50 5.45 -18.10 11.34
CA THR B 50 6.89 -16.50 10.72
CA THR B 50 6.40 -17.31 10.55
C THR B 50 5.97 -15.96 9.61
C THR B 50 5.64 -16.50 9.51
N PHE B 51 4.72 -15.64 9.97
CA PHE B 51 3.82 -14.98 9.04
C PHE B 51 4.40 -13.70 8.46
N SER B 52 5.18 -12.95 9.25
CA SER B 52 5.72 -11.69 8.75
C SER B 52 6.64 -11.87 7.54
N SER B 53 7.17 -13.07 7.33
N SER B 53 7.17 -13.07 7.33
CA SER B 53 8.04 -13.34 6.20
CA SER B 53 8.03 -13.35 6.19
C SER B 53 7.27 -13.82 4.97
C SER B 53 7.27 -13.83 4.97
N LEU B 54 5.95 -13.94 5.06
CA LEU B 54 5.15 -14.41 3.93
C LEU B 54 4.64 -13.24 3.09
N ASN B 55 4.52 -13.49 1.79
CA ASN B 55 3.86 -12.57 0.88
C ASN B 55 2.52 -13.16 0.52
N ILE B 56 1.47 -12.34 0.54
CA ILE B 56 0.10 -12.81 0.34
C ILE B 56 -0.43 -12.16 -0.94
N VAL B 57 -1.00 -12.97 -1.83
CA VAL B 57 -1.57 -12.45 -3.08
C VAL B 57 -3.02 -12.90 -3.17
N TRP B 58 -3.89 -12.00 -3.62
CA TRP B 58 -5.28 -12.31 -3.90
C TRP B 58 -5.48 -12.45 -5.41
N PHE B 59 -6.25 -13.47 -5.79
CA PHE B 59 -6.66 -13.70 -7.17
C PHE B 59 -8.18 -13.80 -7.20
N ARG B 60 -8.77 -13.60 -8.38
CA ARG B 60 -10.20 -13.86 -8.54
C ARG B 60 -10.43 -14.63 -9.82
N GLN B 61 -11.57 -15.33 -9.85
CA GLN B 61 -11.87 -16.21 -10.97
C GLN B 61 -13.38 -16.16 -11.23
N ALA B 62 -13.74 -15.68 -12.41
CA ALA B 62 -15.12 -15.74 -12.88
C ALA B 62 -15.41 -17.14 -13.43
N PRO B 63 -16.68 -17.53 -13.51
CA PRO B 63 -17.01 -18.89 -13.95
C PRO B 63 -16.42 -19.21 -15.31
N GLY B 64 -15.71 -20.33 -15.38
CA GLY B 64 -15.14 -20.79 -16.63
C GLY B 64 -14.02 -19.94 -17.17
N LYS B 65 -13.45 -19.06 -16.36
CA LYS B 65 -12.34 -18.20 -16.75
C LYS B 65 -11.08 -18.55 -15.97
N GLU B 66 -9.97 -17.94 -16.37
CA GLU B 66 -8.69 -18.11 -15.69
C GLU B 66 -8.63 -17.26 -14.44
N ARG B 67 -7.91 -17.75 -13.43
N ARG B 67 -7.91 -17.75 -13.45
CA ARG B 67 -7.65 -16.94 -12.23
CA ARG B 67 -7.56 -16.98 -12.27
C ARG B 67 -6.79 -15.73 -12.60
C ARG B 67 -6.80 -15.71 -12.68
N LYS B 68 -7.17 -14.57 -12.07
CA LYS B 68 -6.54 -13.30 -12.40
C LYS B 68 -6.05 -12.59 -11.14
N PHE B 69 -4.86 -12.01 -11.23
CA PHE B 69 -4.31 -11.22 -10.13
C PHE B 69 -5.24 -10.08 -9.71
N VAL B 70 -5.37 -9.87 -8.38
CA VAL B 70 -6.15 -8.76 -7.82
C VAL B 70 -5.27 -7.82 -7.01
N ALA B 71 -4.58 -8.35 -6.01
CA ALA B 71 -3.73 -7.50 -5.18
C ALA B 71 -2.67 -8.34 -4.48
N ALA B 72 -1.57 -7.70 -4.09
CA ALA B 72 -0.51 -8.39 -3.38
C ALA B 72 0.04 -7.49 -2.27
N ILE B 73 0.47 -8.11 -1.19
CA ILE B 73 1.26 -7.40 -0.20
C ILE B 73 2.55 -8.19 0.00
N ASN B 74 3.66 -7.56 -0.36
CA ASN B 74 4.98 -8.18 -0.32
C ASN B 74 5.77 -7.45 0.75
N ASP B 75 5.95 -8.11 1.90
CA ASP B 75 6.34 -7.46 3.15
C ASP B 75 5.31 -6.36 3.43
N ARG B 76 5.69 -5.08 3.31
CA ARG B 76 4.71 -4.01 3.47
C ARG B 76 4.35 -3.33 2.15
N ASN B 77 4.99 -3.73 1.04
CA ASN B 77 4.71 -3.12 -0.25
C ASN B 77 3.40 -3.68 -0.78
N THR B 78 2.67 -2.86 -1.53
CA THR B 78 1.38 -3.32 -2.05
C THR B 78 1.31 -3.13 -3.57
N ALA B 79 0.55 -3.99 -4.23
CA ALA B 79 0.34 -3.86 -5.66
C ALA B 79 -1.08 -4.27 -6.00
N TYR B 80 -1.65 -3.67 -7.04
CA TYR B 80 -3.05 -3.87 -7.41
C TYR B 80 -3.21 -4.07 -8.93
N ALA B 81 -4.17 -4.90 -9.31
CA ALA B 81 -4.59 -4.93 -10.70
C ALA B 81 -5.19 -3.59 -11.12
N GLU B 82 -5.09 -3.27 -12.41
CA GLU B 82 -5.61 -2.00 -12.90
C GLU B 82 -7.10 -1.84 -12.67
N SER B 83 -7.86 -2.94 -12.75
CA SER B 83 -9.31 -2.87 -12.68
C SER B 83 -9.82 -2.59 -11.26
N VAL B 84 -9.01 -2.76 -10.23
CA VAL B 84 -9.44 -2.59 -8.85
C VAL B 84 -8.67 -1.51 -8.12
N LYS B 85 -7.68 -0.89 -8.76
CA LYS B 85 -6.85 0.10 -8.08
C LYS B 85 -7.70 1.23 -7.51
N GLY B 86 -7.36 1.67 -6.32
CA GLY B 86 -8.10 2.71 -5.64
C GLY B 86 -9.23 2.18 -4.78
N ARG B 87 -10.06 1.30 -5.35
CA ARG B 87 -11.25 0.81 -4.65
C ARG B 87 -10.93 -0.28 -3.63
N PHE B 88 -9.89 -1.07 -3.88
CA PHE B 88 -9.49 -2.15 -3.00
C PHE B 88 -8.22 -1.74 -2.26
N THR B 89 -8.09 -2.19 -1.01
CA THR B 89 -6.90 -1.94 -0.20
C THR B 89 -6.49 -3.23 0.49
N ILE B 90 -5.25 -3.67 0.27
CA ILE B 90 -4.71 -4.83 0.95
C ILE B 90 -3.86 -4.37 2.12
N SER B 91 -3.99 -5.08 3.24
CA SER B 91 -3.26 -4.76 4.46
C SER B 91 -2.95 -6.05 5.20
N ARG B 92 -2.00 -5.96 6.15
CA ARG B 92 -1.66 -7.11 6.96
C ARG B 92 -1.59 -6.74 8.43
N ASP B 93 -1.97 -7.70 9.26
CA ASP B 93 -1.86 -7.60 10.71
C ASP B 93 -1.04 -8.81 11.14
N ASN B 94 0.28 -8.64 11.19
CA ASN B 94 1.13 -9.80 11.48
C ASN B 94 0.85 -10.37 12.85
N ALA B 95 0.50 -9.52 13.81
CA ALA B 95 0.20 -10.00 15.17
C ALA B 95 -0.93 -11.02 15.19
N LYS B 96 -1.82 -10.99 14.18
CA LYS B 96 -2.95 -11.91 14.09
C LYS B 96 -2.82 -12.87 12.92
N ASN B 97 -1.67 -12.93 12.27
CA ASN B 97 -1.45 -13.82 11.12
C ASN B 97 -2.51 -13.62 10.04
N THR B 98 -2.89 -12.36 9.79
CA THR B 98 -4.04 -12.08 8.94
C THR B 98 -3.68 -11.05 7.87
N VAL B 99 -4.18 -11.27 6.66
CA VAL B 99 -4.20 -10.26 5.61
C VAL B 99 -5.65 -9.96 5.28
N HIS B 100 -5.94 -8.70 5.01
CA HIS B 100 -7.28 -8.27 4.67
C HIS B 100 -7.27 -7.68 3.28
N LEU B 101 -8.36 -7.89 2.54
CA LEU B 101 -8.63 -7.17 1.31
C LEU B 101 -9.92 -6.39 1.53
N GLN B 102 -9.80 -5.09 1.73
CA GLN B 102 -10.97 -4.24 1.88
C GLN B 102 -11.44 -3.86 0.49
N MET B 103 -12.70 -4.19 0.16
CA MET B 103 -13.22 -3.92 -1.17
C MET B 103 -14.34 -2.90 -1.10
N ASN B 104 -14.05 -1.68 -1.53
CA ASN B 104 -15.01 -0.58 -1.54
C ASN B 104 -15.58 -0.36 -2.93
N SER B 105 -16.70 0.38 -2.98
CA SER B 105 -17.31 0.79 -4.26
C SER B 105 -17.47 -0.40 -5.20
N LEU B 106 -18.07 -1.47 -4.70
CA LEU B 106 -18.12 -2.72 -5.46
C LEU B 106 -19.02 -2.56 -6.69
N LYS B 107 -18.66 -3.28 -7.76
CA LYS B 107 -19.35 -3.30 -9.04
C LYS B 107 -19.75 -4.72 -9.41
N PRO B 108 -20.81 -4.91 -10.22
CA PRO B 108 -21.13 -6.28 -10.64
C PRO B 108 -19.96 -7.00 -11.31
N GLU B 109 -19.08 -6.26 -11.98
CA GLU B 109 -17.89 -6.82 -12.61
C GLU B 109 -16.92 -7.42 -11.59
N ASP B 110 -17.08 -7.12 -10.30
CA ASP B 110 -16.24 -7.71 -9.27
C ASP B 110 -16.73 -9.09 -8.83
N THR B 111 -17.87 -9.54 -9.33
CA THR B 111 -18.41 -10.84 -8.94
C THR B 111 -17.46 -11.94 -9.40
N ALA B 112 -17.03 -12.79 -8.44
CA ALA B 112 -16.06 -13.84 -8.76
C ALA B 112 -15.81 -14.64 -7.49
N VAL B 113 -15.12 -15.75 -7.65
CA VAL B 113 -14.52 -16.47 -6.51
C VAL B 113 -13.14 -15.88 -6.24
N TYR B 114 -12.90 -15.50 -4.98
CA TYR B 114 -11.64 -14.88 -4.58
C TYR B 114 -10.79 -15.87 -3.80
N TYR B 115 -9.49 -15.87 -4.12
CA TYR B 115 -8.50 -16.80 -3.57
C TYR B 115 -7.34 -16.02 -2.99
N CYS B 116 -6.85 -16.45 -1.84
CA CYS B 116 -5.59 -15.92 -1.35
C CYS B 116 -4.51 -16.99 -1.48
N HIS B 117 -3.29 -16.53 -1.64
CA HIS B 117 -2.14 -17.40 -1.84
C HIS B 117 -0.99 -16.89 -0.98
N SER B 118 -0.25 -17.81 -0.36
CA SER B 118 0.91 -17.41 0.43
C SER B 118 2.17 -18.03 -0.14
N ALA B 119 3.30 -17.36 0.05
CA ALA B 119 4.61 -17.91 -0.27
C ALA B 119 5.68 -17.12 0.46
N ASP B 120 6.82 -17.76 0.66
CA ASP B 120 7.96 -17.02 1.21
C ASP B 120 8.71 -16.31 0.07
N VAL B 121 9.76 -15.58 0.41
N VAL B 121 9.75 -15.56 0.43
CA VAL B 121 10.40 -14.75 -0.60
CA VAL B 121 10.44 -14.75 -0.58
C VAL B 121 11.14 -15.60 -1.64
C VAL B 121 11.08 -15.62 -1.65
N ASN B 122 11.56 -16.81 -1.28
CA ASN B 122 12.21 -17.70 -2.24
C ASN B 122 11.21 -18.28 -3.22
N GLY B 123 9.92 -18.15 -2.95
CA GLY B 123 8.89 -18.79 -3.74
C GLY B 123 8.40 -20.11 -3.17
N GLY B 124 8.93 -20.55 -2.04
CA GLY B 124 8.48 -21.78 -1.40
C GLY B 124 7.33 -21.53 -0.43
N MET B 125 6.99 -22.58 0.31
CA MET B 125 5.86 -22.60 1.24
C MET B 125 4.60 -22.02 0.59
N ASP B 126 4.24 -22.62 -0.54
CA ASP B 126 3.15 -22.15 -1.39
C ASP B 126 1.85 -22.81 -0.94
N TYR B 127 0.86 -21.99 -0.57
CA TYR B 127 -0.45 -22.50 -0.15
C TYR B 127 -1.55 -21.63 -0.74
N TRP B 128 -2.69 -22.27 -1.02
CA TRP B 128 -3.88 -21.55 -1.46
C TRP B 128 -4.96 -21.63 -0.39
N GLY B 129 -5.74 -20.55 -0.28
CA GLY B 129 -6.96 -20.62 0.49
C GLY B 129 -8.09 -21.20 -0.34
N LYS B 130 -9.08 -21.76 0.37
CA LYS B 130 -10.31 -22.16 -0.28
C LYS B 130 -11.07 -20.94 -0.74
N GLY B 131 -11.48 -20.95 -2.01
CA GLY B 131 -12.09 -19.76 -2.59
C GLY B 131 -13.38 -19.38 -1.90
N THR B 132 -13.68 -18.09 -1.94
CA THR B 132 -14.92 -17.57 -1.40
C THR B 132 -15.60 -16.68 -2.44
N GLN B 133 -16.90 -16.88 -2.61
CA GLN B 133 -17.65 -16.17 -3.63
C GLN B 133 -18.03 -14.77 -3.17
N VAL B 134 -17.87 -13.80 -4.06
CA VAL B 134 -18.35 -12.44 -3.88
C VAL B 134 -19.32 -12.17 -5.01
N THR B 135 -20.54 -11.76 -4.67
CA THR B 135 -21.56 -11.47 -5.69
C THR B 135 -22.09 -10.06 -5.48
N VAL B 136 -22.01 -9.24 -6.52
CA VAL B 136 -22.42 -7.84 -6.45
C VAL B 136 -23.56 -7.62 -7.44
N SER B 137 -24.73 -7.26 -6.93
CA SER B 137 -25.90 -7.11 -7.79
C SER B 137 -26.04 -5.66 -8.26
N SER B 138 -26.61 -5.50 -9.45
CA SER B 138 -26.79 -4.16 -10.01
C SER B 138 -27.80 -3.37 -9.18
N HIS B 139 -27.62 -2.06 -9.18
CA HIS B 139 -28.44 -1.19 -8.35
C HIS B 139 -29.85 -1.01 -8.91
S SO4 C . 17.23 2.46 4.27
O1 SO4 C . 16.45 1.29 4.64
O2 SO4 C . 17.35 2.51 2.81
O3 SO4 C . 16.58 3.69 4.73
O4 SO4 C . 18.56 2.38 4.87
S SO4 D . -8.92 9.55 -5.64
O1 SO4 D . -9.57 9.18 -4.38
O2 SO4 D . -9.38 8.68 -6.72
O3 SO4 D . -9.26 10.94 -5.92
O4 SO4 D . -7.47 9.37 -5.47
S SO4 E . 0.47 2.88 14.34
O1 SO4 E . 0.31 1.43 14.37
O2 SO4 E . -0.85 3.51 14.40
O3 SO4 E . 1.14 3.28 13.10
O4 SO4 E . 1.29 3.32 15.47
S SO4 F . -2.67 21.39 -17.91
O1 SO4 F . -3.68 22.18 -18.59
O2 SO4 F . -2.60 20.06 -18.52
O3 SO4 F . -1.37 22.05 -18.01
O4 SO4 F . -3.03 21.26 -16.50
S SO4 G . -3.71 16.65 5.52
O1 SO4 G . -4.16 17.70 4.62
O2 SO4 G . -4.14 15.35 5.02
O3 SO4 G . -4.32 16.87 6.84
O4 SO4 G . -2.25 16.67 5.62
C1 EDO H . -6.79 -6.46 -14.79
O1 EDO H . -7.07 -5.08 -14.51
C2 EDO H . -7.78 -7.36 -14.07
O2 EDO H . -8.97 -7.51 -14.87
S SO4 I . 1.85 -5.70 12.58
O1 SO4 I . 1.51 -6.72 13.57
O2 SO4 I . 1.53 -6.14 11.22
O3 SO4 I . 1.04 -4.52 12.87
O4 SO4 I . 3.27 -5.39 12.67
S SO4 J . -12.04 -23.90 -4.47
O1 SO4 J . -12.62 -25.19 -4.15
O2 SO4 J . -11.50 -23.90 -5.83
O3 SO4 J . -13.09 -22.87 -4.41
O4 SO4 J . -11.01 -23.56 -3.49
S SO4 K . 8.33 -6.25 9.04
S SO4 K . 7.94 -7.49 11.87
O1 SO4 K . 7.17 -7.00 9.51
O1 SO4 K . 6.69 -8.18 12.17
O2 SO4 K . 8.83 -6.89 7.82
O2 SO4 K . 8.13 -7.47 10.43
O3 SO4 K . 7.94 -4.87 8.76
O3 SO4 K . 7.88 -6.13 12.39
O4 SO4 K . 9.37 -6.26 10.06
O4 SO4 K . 9.06 -8.19 12.49
S SO4 L . 12.14 -22.70 0.76
O1 SO4 L . 11.27 -21.73 0.12
O2 SO4 L . 11.71 -24.05 0.38
O3 SO4 L . 12.01 -22.54 2.21
O4 SO4 L . 13.52 -22.46 0.38
#